data_3EFL
#
_entry.id   3EFL
#
_cell.length_a   55.59
_cell.length_b   66.81
_cell.length_c   91.42
_cell.angle_alpha   90.00
_cell.angle_beta   93.27
_cell.angle_gamma   90.00
#
_symmetry.space_group_name_H-M   'P 1 21 1'
#
loop_
_entity.id
_entity.type
_entity.pdbx_description
1 polymer 'Vascular endothelial growth factor receptor 2'
2 non-polymer N-(3,3-dimethyl-2,3-dihydro-1H-indol-6-yl)-2-[(pyridin-4-ylmethyl)amino]pyridine-3-carboxamide
3 water water
#
_entity_poly.entity_id   1
_entity_poly.type   'polypeptide(L)'
_entity_poly.pdbx_seq_one_letter_code
;EHAERLPYDASKWEFPRDRLKLGKPLGRGAFGQVIEADAFGIDKTATCRTVAVKMLKEGATHSEHRALMSELKILIHIGH
HLNVVNLLGACTKPGGPLMVIVEFCKFGNLSTYLRSKRNEFVPYKVAPEDLYKDFLTLEHLICYSFQVAKGMEFLASRKC
IHRDLAARNILLSEKNVVKICDFGLARDI(PTR)KDPD(PTR)VRKGDARLPLKWMAPETIFDRVYTIQSDVWSFGVLLW
EIFSLGASPYPGVKIDEEFCRRLKEGTRMRAPDYTTPEMYQTMLDCWHGEPSQRPTFSELVEHLGNLLQANAQQDRHHHH
HH
;
_entity_poly.pdbx_strand_id   A,B
#
loop_
_chem_comp.id
_chem_comp.type
_chem_comp.name
_chem_comp.formula
706 non-polymer N-(3,3-dimethyl-2,3-dihydro-1H-indol-6-yl)-2-[(pyridin-4-ylmethyl)amino]pyridine-3-carboxamide 'C22 H23 N5 O'
#
# COMPACT_ATOMS: atom_id res chain seq x y z
N ALA A 3 11.22 24.65 -19.95
CA ALA A 3 11.37 23.49 -19.01
C ALA A 3 12.80 23.46 -18.44
N GLU A 4 13.54 22.41 -18.77
CA GLU A 4 14.92 22.25 -18.30
C GLU A 4 15.71 23.52 -18.58
N ARG A 5 15.16 24.39 -19.42
CA ARG A 5 15.79 25.65 -19.77
C ARG A 5 15.26 26.74 -18.85
N LEU A 6 14.00 26.61 -18.46
CA LEU A 6 13.39 27.58 -17.55
C LEU A 6 13.82 27.21 -16.15
N PRO A 7 14.47 28.15 -15.44
CA PRO A 7 14.92 27.89 -14.08
C PRO A 7 13.76 27.45 -13.20
N TYR A 8 14.08 26.85 -12.07
CA TYR A 8 13.09 26.40 -11.10
C TYR A 8 12.82 27.57 -10.16
N ASP A 9 11.58 28.01 -10.09
CA ASP A 9 11.22 29.14 -9.21
C ASP A 9 10.87 28.65 -7.82
N ALA A 10 11.89 28.59 -6.96
CA ALA A 10 11.73 28.12 -5.60
C ALA A 10 10.73 28.90 -4.75
N SER A 11 10.68 30.22 -4.94
CA SER A 11 9.76 31.05 -4.15
C SER A 11 8.34 30.59 -4.31
N LYS A 12 8.02 30.13 -5.51
CA LYS A 12 6.68 29.66 -5.82
C LYS A 12 6.42 28.22 -5.38
N TRP A 13 7.33 27.31 -5.73
CA TRP A 13 7.12 25.90 -5.45
C TRP A 13 7.73 25.20 -4.24
N GLU A 14 8.87 25.67 -3.75
CA GLU A 14 9.55 25.02 -2.63
C GLU A 14 8.68 24.76 -1.40
N PHE A 15 8.76 23.53 -0.88
CA PHE A 15 7.98 23.12 0.28
C PHE A 15 8.97 22.50 1.27
N PRO A 16 8.80 22.76 2.59
CA PRO A 16 9.70 22.22 3.61
C PRO A 16 9.57 20.74 3.82
N ARG A 17 10.70 20.04 3.89
CA ARG A 17 10.69 18.59 4.09
C ARG A 17 10.06 18.16 5.41
N ASP A 18 10.27 18.95 6.46
CA ASP A 18 9.72 18.60 7.76
C ASP A 18 8.20 18.77 7.86
N ARG A 19 7.56 19.34 6.84
CA ARG A 19 6.11 19.52 6.84
C ARG A 19 5.46 18.31 6.16
N LEU A 20 6.29 17.35 5.80
CA LEU A 20 5.86 16.14 5.13
C LEU A 20 5.98 14.91 6.00
N LYS A 21 4.89 14.14 6.09
CA LYS A 21 4.86 12.87 6.83
C LYS A 21 4.67 11.78 5.78
N LEU A 22 5.72 11.01 5.51
CA LEU A 22 5.67 9.95 4.51
C LEU A 22 4.84 8.75 4.93
N GLY A 23 3.95 8.32 4.03
CA GLY A 23 3.08 7.19 4.29
C GLY A 23 3.51 5.97 3.49
N LYS A 24 2.55 5.14 3.10
CA LYS A 24 2.84 3.91 2.35
C LYS A 24 3.01 4.11 0.86
N PRO A 25 3.81 3.23 0.23
CA PRO A 25 4.13 3.22 -1.20
C PRO A 25 2.89 3.05 -2.09
N LEU A 26 2.90 3.71 -3.24
CA LEU A 26 1.80 3.62 -4.20
C LEU A 26 2.37 2.93 -5.41
N GLY A 27 3.70 2.91 -5.47
CA GLY A 27 4.41 2.27 -6.56
C GLY A 27 5.90 2.31 -6.24
N ARG A 28 6.65 1.39 -6.82
CA ARG A 28 8.08 1.34 -6.56
C ARG A 28 8.85 1.02 -7.83
N GLY A 29 9.60 2.00 -8.33
CA GLY A 29 10.37 1.80 -9.54
C GLY A 29 11.51 2.79 -9.67
N GLY A 32 13.61 5.11 -8.04
CA GLY A 32 12.77 5.95 -7.21
C GLY A 32 11.44 5.32 -6.84
N GLN A 33 10.75 5.91 -5.86
CA GLN A 33 9.45 5.40 -5.43
C GLN A 33 8.40 6.47 -5.22
N VAL A 34 7.14 6.08 -5.38
CA VAL A 34 6.04 6.99 -5.21
C VAL A 34 5.32 6.59 -3.93
N ILE A 35 5.24 7.50 -2.97
CA ILE A 35 4.53 7.18 -1.73
C ILE A 35 3.49 8.23 -1.39
N GLU A 36 2.48 7.78 -0.66
CA GLU A 36 1.40 8.64 -0.19
C GLU A 36 2.03 9.44 0.97
N ALA A 37 1.46 10.60 1.29
CA ALA A 37 2.00 11.37 2.39
C ALA A 37 1.06 12.47 2.85
N ASP A 38 1.27 12.95 4.07
CA ASP A 38 0.46 14.03 4.59
C ASP A 38 1.30 15.31 4.54
N ALA A 39 0.77 16.34 3.91
CA ALA A 39 1.45 17.63 3.79
C ALA A 39 0.73 18.68 4.62
N PHE A 40 1.49 19.38 5.48
CA PHE A 40 0.90 20.42 6.31
C PHE A 40 1.18 21.80 5.75
N GLY A 41 0.10 22.52 5.43
CA GLY A 41 0.24 23.87 4.90
C GLY A 41 0.74 23.95 3.47
N ILE A 42 0.50 22.91 2.68
CA ILE A 42 0.94 22.92 1.29
C ILE A 42 0.06 23.83 0.44
N ASP A 43 -1.24 23.88 0.77
CA ASP A 43 -2.18 24.73 0.04
C ASP A 43 -2.93 25.65 1.01
N THR A 47 -5.19 23.14 5.92
CA THR A 47 -4.11 22.87 6.85
C THR A 47 -3.38 21.58 6.50
N CYS A 48 -3.97 20.43 6.83
CA CYS A 48 -3.32 19.17 6.50
C CYS A 48 -4.00 18.57 5.27
N ARG A 49 -3.19 18.09 4.33
CA ARG A 49 -3.72 17.53 3.11
C ARG A 49 -2.96 16.27 2.64
N THR A 50 -3.65 15.40 1.90
CA THR A 50 -3.02 14.19 1.39
C THR A 50 -2.39 14.51 0.04
N VAL A 51 -1.21 13.94 -0.21
CA VAL A 51 -0.51 14.18 -1.47
C VAL A 51 0.27 12.93 -1.90
N ALA A 52 0.80 12.95 -3.11
CA ALA A 52 1.60 11.84 -3.63
C ALA A 52 3.00 12.42 -3.87
N VAL A 53 4.02 11.72 -3.39
CA VAL A 53 5.37 12.21 -3.54
C VAL A 53 6.24 11.26 -4.32
N LYS A 54 7.05 11.82 -5.20
CA LYS A 54 7.98 11.01 -5.96
C LYS A 54 9.36 11.44 -5.47
N MET A 55 10.11 10.50 -4.90
CA MET A 55 11.43 10.82 -4.39
C MET A 55 12.52 9.85 -4.83
N LEU A 56 13.74 10.38 -4.95
CA LEU A 56 14.88 9.57 -5.33
C LEU A 56 15.40 8.79 -4.12
N LYS A 57 16.07 7.69 -4.41
CA LYS A 57 16.66 6.83 -3.39
C LYS A 57 17.89 7.55 -2.77
N GLU A 58 18.20 7.28 -1.50
CA GLU A 58 19.43 7.82 -0.89
C GLU A 58 20.66 7.04 -1.43
N THR A 61 22.36 8.91 -7.61
CA THR A 61 22.59 8.86 -9.05
C THR A 61 22.28 10.22 -9.70
N HIS A 62 23.30 10.80 -10.33
CA HIS A 62 23.20 12.09 -11.00
C HIS A 62 22.23 12.07 -12.18
N SER A 63 22.17 10.94 -12.88
CA SER A 63 21.28 10.81 -14.02
C SER A 63 19.81 10.76 -13.55
N GLU A 64 19.55 9.92 -12.57
CA GLU A 64 18.18 9.78 -12.04
C GLU A 64 17.72 11.10 -11.44
N HIS A 65 18.68 11.89 -10.96
CA HIS A 65 18.38 13.19 -10.37
C HIS A 65 17.85 14.16 -11.42
N ARG A 66 18.54 14.27 -12.54
CA ARG A 66 18.11 15.15 -13.60
C ARG A 66 16.73 14.74 -14.14
N ALA A 67 16.49 13.43 -14.16
CA ALA A 67 15.21 12.92 -14.64
C ALA A 67 14.05 13.43 -13.79
N LEU A 68 14.17 13.31 -12.47
CA LEU A 68 13.10 13.78 -11.60
C LEU A 68 12.98 15.30 -11.67
N MET A 69 14.13 15.99 -11.74
CA MET A 69 14.15 17.45 -11.82
C MET A 69 13.49 17.90 -13.13
N SER A 70 13.67 17.12 -14.20
CA SER A 70 13.05 17.45 -15.49
C SER A 70 11.54 17.29 -15.38
N GLU A 71 11.10 16.20 -14.75
CA GLU A 71 9.68 15.96 -14.58
C GLU A 71 9.09 17.17 -13.85
N LEU A 72 9.81 17.64 -12.83
CA LEU A 72 9.36 18.81 -12.06
C LEU A 72 9.26 20.06 -12.94
N LYS A 73 10.33 20.36 -13.66
CA LYS A 73 10.33 21.54 -14.54
C LYS A 73 9.26 21.41 -15.61
N ILE A 74 9.10 20.21 -16.18
CA ILE A 74 8.07 20.02 -17.19
C ILE A 74 6.69 20.31 -16.60
N LEU A 75 6.44 19.84 -15.38
CA LEU A 75 5.14 20.07 -14.76
C LEU A 75 4.83 21.55 -14.51
N ILE A 76 5.82 22.32 -14.09
CA ILE A 76 5.65 23.74 -13.85
C ILE A 76 5.32 24.41 -15.18
N HIS A 77 6.14 24.10 -16.18
CA HIS A 77 5.97 24.63 -17.52
C HIS A 77 4.58 24.35 -18.09
N ILE A 78 4.22 23.08 -18.16
CA ILE A 78 2.93 22.69 -18.69
C ILE A 78 1.81 23.48 -18.01
N GLY A 79 1.91 23.66 -16.71
CA GLY A 79 0.88 24.41 -16.01
C GLY A 79 -0.30 23.56 -15.61
N HIS A 80 -1.41 24.23 -15.28
CA HIS A 80 -2.60 23.57 -14.81
C HIS A 80 -3.70 23.25 -15.84
N HIS A 81 -4.39 22.14 -15.60
CA HIS A 81 -5.51 21.69 -16.40
C HIS A 81 -6.28 20.66 -15.56
N LEU A 82 -7.60 20.77 -15.58
CA LEU A 82 -8.45 19.89 -14.81
C LEU A 82 -8.25 18.39 -15.02
N ASN A 83 -7.74 18.00 -16.18
CA ASN A 83 -7.56 16.57 -16.45
C ASN A 83 -6.11 16.09 -16.45
N VAL A 84 -5.27 16.80 -15.70
CA VAL A 84 -3.85 16.48 -15.55
C VAL A 84 -3.59 16.61 -14.04
N VAL A 85 -2.91 15.64 -13.44
CA VAL A 85 -2.66 15.67 -12.01
C VAL A 85 -1.98 17.00 -11.64
N ASN A 86 -2.42 17.62 -10.57
CA ASN A 86 -1.89 18.94 -10.20
C ASN A 86 -0.69 18.98 -9.27
N LEU A 87 0.37 19.62 -9.75
CA LEU A 87 1.60 19.80 -9.00
C LEU A 87 1.34 20.73 -7.80
N LEU A 88 1.83 20.37 -6.62
CA LEU A 88 1.62 21.21 -5.44
C LEU A 88 2.90 21.82 -4.89
N GLY A 89 4.02 21.12 -5.06
CA GLY A 89 5.28 21.65 -4.56
C GLY A 89 6.46 20.72 -4.79
N ALA A 90 7.60 21.08 -4.20
CA ALA A 90 8.82 20.31 -4.35
C ALA A 90 9.84 20.63 -3.26
N CYS A 91 10.69 19.65 -2.99
CA CYS A 91 11.75 19.75 -2.01
C CYS A 91 12.97 19.55 -2.89
N THR A 92 13.69 20.65 -3.15
CA THR A 92 14.86 20.62 -4.02
C THR A 92 16.13 21.15 -3.38
N LYS A 93 15.98 22.01 -2.38
CA LYS A 93 17.14 22.57 -1.73
C LYS A 93 17.83 21.50 -0.89
N PRO A 94 19.13 21.69 -0.63
CA PRO A 94 19.97 20.77 0.17
C PRO A 94 19.35 20.41 1.53
N GLY A 95 19.74 19.25 2.06
CA GLY A 95 19.25 18.84 3.35
C GLY A 95 18.53 17.50 3.33
N GLY A 96 18.12 17.08 2.14
CA GLY A 96 17.40 15.83 1.99
C GLY A 96 17.19 15.48 0.54
N PRO A 97 16.49 14.37 0.25
CA PRO A 97 16.25 13.97 -1.14
C PRO A 97 15.33 14.88 -1.95
N LEU A 98 15.54 14.86 -3.25
CA LEU A 98 14.74 15.63 -4.18
C LEU A 98 13.36 14.98 -4.12
N MET A 99 12.33 15.82 -4.06
CA MET A 99 10.96 15.32 -3.98
C MET A 99 9.99 16.14 -4.83
N VAL A 100 9.10 15.44 -5.54
CA VAL A 100 8.09 16.08 -6.37
C VAL A 100 6.74 15.68 -5.78
N ILE A 101 5.97 16.71 -5.41
CA ILE A 101 4.68 16.53 -4.75
C ILE A 101 3.48 16.96 -5.58
N VAL A 102 2.51 16.07 -5.71
CA VAL A 102 1.30 16.36 -6.45
C VAL A 102 0.08 15.91 -5.66
N GLU A 103 -1.08 16.42 -6.05
CA GLU A 103 -2.33 16.08 -5.40
C GLU A 103 -2.48 14.55 -5.39
N PHE A 104 -3.07 14.02 -4.33
CA PHE A 104 -3.26 12.58 -4.21
C PHE A 104 -4.67 12.17 -4.65
N CYS A 105 -4.74 11.18 -5.54
CA CYS A 105 -6.02 10.67 -6.02
C CYS A 105 -6.25 9.34 -5.31
N LYS A 106 -7.01 9.39 -4.22
CA LYS A 106 -7.29 8.20 -3.42
C LYS A 106 -7.92 7.01 -4.13
N PHE A 107 -8.72 7.26 -5.16
CA PHE A 107 -9.39 6.17 -5.89
C PHE A 107 -8.52 5.32 -6.81
N GLY A 108 -7.27 5.72 -7.01
CA GLY A 108 -6.36 4.95 -7.84
C GLY A 108 -6.56 5.02 -9.35
N ASN A 109 -5.83 4.15 -10.06
CA ASN A 109 -5.88 4.10 -11.51
C ASN A 109 -7.22 3.58 -12.06
N LEU A 110 -7.60 4.14 -13.20
CA LEU A 110 -8.85 3.82 -13.89
C LEU A 110 -9.08 2.37 -14.27
N SER A 111 -8.01 1.67 -14.62
CA SER A 111 -8.10 0.27 -15.00
C SER A 111 -8.63 -0.57 -13.83
N THR A 112 -7.97 -0.47 -12.68
CA THR A 112 -8.35 -1.21 -11.49
C THR A 112 -9.75 -0.80 -11.03
N TYR A 113 -10.12 0.47 -11.23
CA TYR A 113 -11.45 0.94 -10.83
C TYR A 113 -12.56 0.37 -11.69
N LEU A 114 -12.37 0.38 -13.01
CA LEU A 114 -13.37 -0.15 -13.94
C LEU A 114 -13.52 -1.66 -13.75
N ARG A 115 -12.40 -2.31 -13.45
CA ARG A 115 -12.38 -3.75 -13.22
C ARG A 115 -13.21 -4.10 -12.00
N SER A 116 -13.40 -3.15 -11.09
CA SER A 116 -14.17 -3.40 -9.89
C SER A 116 -15.66 -3.10 -10.06
N LYS A 117 -16.05 -2.54 -11.20
CA LYS A 117 -17.44 -2.19 -11.45
C LYS A 117 -18.11 -3.09 -12.48
N ARG A 118 -17.48 -4.21 -12.83
CA ARG A 118 -18.06 -5.10 -13.83
C ARG A 118 -19.45 -5.65 -13.50
N ASN A 119 -19.81 -5.70 -12.22
CA ASN A 119 -21.13 -6.18 -11.82
C ASN A 119 -22.03 -4.99 -11.51
N GLU A 120 -21.56 -3.78 -11.84
CA GLU A 120 -22.33 -2.56 -11.60
C GLU A 120 -22.37 -1.72 -12.86
N PHE A 121 -22.92 -2.29 -13.92
CA PHE A 121 -23.01 -1.56 -15.18
C PHE A 121 -24.34 -1.76 -15.88
N VAL A 122 -24.83 -0.65 -16.44
CA VAL A 122 -26.05 -0.64 -17.23
C VAL A 122 -25.68 0.38 -18.28
N PRO A 123 -26.24 0.27 -19.49
CA PRO A 123 -25.90 1.23 -20.54
C PRO A 123 -26.43 2.63 -20.20
N TYR A 124 -27.54 2.69 -19.47
CA TYR A 124 -28.13 3.96 -19.07
C TYR A 124 -29.18 3.63 -18.02
N LYS A 125 -29.63 4.66 -17.31
CA LYS A 125 -30.63 4.49 -16.26
C LYS A 125 -31.99 5.10 -16.58
N VAL A 126 -33.01 4.54 -15.95
CA VAL A 126 -34.39 5.00 -16.07
C VAL A 126 -34.97 4.87 -14.66
N ALA A 127 -36.11 5.51 -14.41
CA ALA A 127 -36.74 5.48 -13.09
C ALA A 127 -37.38 4.11 -12.82
N PRO A 128 -37.22 3.58 -11.59
CA PRO A 128 -36.47 4.19 -10.48
C PRO A 128 -34.96 4.01 -10.57
N GLU A 129 -34.24 5.13 -10.62
CA GLU A 129 -32.80 5.14 -10.72
C GLU A 129 -32.01 4.49 -9.57
N ASP A 130 -32.63 4.31 -8.39
CA ASP A 130 -31.90 3.72 -7.27
C ASP A 130 -31.55 2.25 -7.48
N LEU A 131 -32.14 1.65 -8.50
CA LEU A 131 -31.82 0.27 -8.79
C LEU A 131 -30.36 0.22 -9.24
N TYR A 132 -29.90 1.34 -9.80
CA TYR A 132 -28.54 1.43 -10.31
C TYR A 132 -27.69 2.45 -9.57
N LYS A 133 -27.88 2.56 -8.27
CA LYS A 133 -27.10 3.52 -7.49
C LYS A 133 -25.60 3.26 -7.63
N ASP A 134 -24.88 4.27 -8.12
CA ASP A 134 -23.44 4.20 -8.31
C ASP A 134 -22.95 3.32 -9.47
N PHE A 135 -23.89 2.74 -10.23
CA PHE A 135 -23.52 1.92 -11.38
C PHE A 135 -22.79 2.74 -12.44
N LEU A 136 -21.97 2.08 -13.26
CA LEU A 136 -21.30 2.76 -14.35
C LEU A 136 -22.28 2.66 -15.53
N THR A 137 -22.21 3.62 -16.45
CA THR A 137 -23.07 3.64 -17.63
C THR A 137 -22.25 4.11 -18.84
N LEU A 138 -22.83 4.05 -20.03
CA LEU A 138 -22.12 4.50 -21.22
C LEU A 138 -21.71 5.96 -21.05
N GLU A 139 -22.53 6.72 -20.34
CA GLU A 139 -22.25 8.13 -20.11
C GLU A 139 -20.90 8.27 -19.38
N HIS A 140 -20.71 7.46 -18.34
CA HIS A 140 -19.45 7.49 -17.59
C HIS A 140 -18.27 7.13 -18.49
N LEU A 141 -18.41 6.03 -19.23
CA LEU A 141 -17.31 5.59 -20.08
C LEU A 141 -16.95 6.62 -21.14
N ILE A 142 -17.95 7.19 -21.80
CA ILE A 142 -17.66 8.19 -22.82
C ILE A 142 -17.06 9.43 -22.16
N CYS A 143 -17.55 9.78 -20.98
CA CYS A 143 -17.07 10.94 -20.26
C CYS A 143 -15.60 10.77 -19.83
N TYR A 144 -15.22 9.58 -19.38
CA TYR A 144 -13.82 9.35 -19.01
C TYR A 144 -12.92 9.54 -20.23
N SER A 145 -13.39 9.01 -21.36
CA SER A 145 -12.65 9.10 -22.62
C SER A 145 -12.48 10.55 -23.08
N PHE A 146 -13.58 11.31 -23.00
CA PHE A 146 -13.63 12.72 -23.37
C PHE A 146 -12.63 13.52 -22.52
N GLN A 147 -12.63 13.28 -21.21
CA GLN A 147 -11.74 13.97 -20.28
C GLN A 147 -10.27 13.70 -20.56
N VAL A 148 -9.93 12.44 -20.82
CA VAL A 148 -8.54 12.12 -21.12
C VAL A 148 -8.14 12.84 -22.41
N ALA A 149 -9.05 12.88 -23.37
CA ALA A 149 -8.80 13.53 -24.65
C ALA A 149 -8.55 15.04 -24.50
N LYS A 150 -9.31 15.68 -23.62
CA LYS A 150 -9.12 17.11 -23.40
C LYS A 150 -7.77 17.25 -22.72
N GLY A 151 -7.46 16.27 -21.86
CA GLY A 151 -6.19 16.29 -21.16
C GLY A 151 -5.02 16.18 -22.12
N MET A 152 -5.13 15.29 -23.10
CA MET A 152 -4.06 15.09 -24.07
C MET A 152 -4.02 16.26 -25.05
N GLU A 153 -5.17 16.83 -25.36
CA GLU A 153 -5.20 17.96 -26.28
C GLU A 153 -4.37 19.08 -25.60
N PHE A 154 -4.60 19.27 -24.31
CA PHE A 154 -3.87 20.28 -23.53
C PHE A 154 -2.37 20.04 -23.59
N LEU A 155 -1.96 18.80 -23.36
CA LEU A 155 -0.55 18.45 -23.41
C LEU A 155 0.03 18.63 -24.81
N ALA A 156 -0.70 18.16 -25.83
CA ALA A 156 -0.25 18.27 -27.21
C ALA A 156 -0.10 19.72 -27.65
N SER A 157 -0.96 20.59 -27.13
CA SER A 157 -0.92 22.01 -27.47
C SER A 157 0.38 22.63 -26.96
N ARG A 158 0.99 22.00 -25.97
CA ARG A 158 2.24 22.48 -25.41
C ARG A 158 3.42 21.60 -25.85
N LYS A 159 3.22 20.88 -26.95
CA LYS A 159 4.25 20.01 -27.52
C LYS A 159 4.75 18.89 -26.61
N CYS A 160 3.97 18.52 -25.61
CA CYS A 160 4.36 17.45 -24.70
C CYS A 160 3.89 16.08 -25.21
N ILE A 161 4.77 15.09 -25.10
CA ILE A 161 4.47 13.72 -25.54
C ILE A 161 4.50 12.82 -24.30
N HIS A 162 3.40 12.14 -24.03
CA HIS A 162 3.35 11.29 -22.84
C HIS A 162 4.29 10.08 -22.84
N ARG A 163 4.22 9.25 -23.87
CA ARG A 163 5.06 8.06 -24.00
C ARG A 163 4.51 6.78 -23.38
N ASP A 164 3.69 6.88 -22.35
CA ASP A 164 3.12 5.67 -21.75
C ASP A 164 1.66 5.90 -21.35
N LEU A 165 0.87 6.39 -22.31
CA LEU A 165 -0.53 6.67 -22.06
C LEU A 165 -1.26 5.32 -21.97
N ALA A 166 -1.85 5.07 -20.82
CA ALA A 166 -2.57 3.82 -20.60
C ALA A 166 -3.49 3.98 -19.40
N ALA A 167 -4.43 3.07 -19.23
CA ALA A 167 -5.36 3.15 -18.11
C ALA A 167 -4.65 3.22 -16.76
N ARG A 168 -3.57 2.46 -16.59
CA ARG A 168 -2.85 2.47 -15.32
C ARG A 168 -2.24 3.85 -15.00
N ASN A 169 -2.23 4.75 -15.98
CA ASN A 169 -1.69 6.09 -15.78
C ASN A 169 -2.76 7.17 -15.79
N ILE A 170 -4.01 6.74 -15.64
CA ILE A 170 -5.17 7.63 -15.56
C ILE A 170 -5.70 7.45 -14.12
N LEU A 171 -5.97 8.57 -13.45
CA LEU A 171 -6.43 8.49 -12.07
C LEU A 171 -7.83 9.02 -11.89
N LEU A 172 -8.60 8.36 -11.02
CA LEU A 172 -9.98 8.78 -10.78
C LEU A 172 -10.01 9.76 -9.60
N SER A 173 -10.74 10.84 -9.79
CA SER A 173 -10.85 11.85 -8.76
C SER A 173 -12.26 11.80 -8.14
N GLU A 174 -12.68 12.90 -7.53
CA GLU A 174 -13.95 12.98 -6.83
C GLU A 174 -15.30 12.77 -7.54
N LYS A 175 -15.70 13.70 -8.40
CA LYS A 175 -16.99 13.57 -9.08
C LYS A 175 -16.85 13.05 -10.50
N ASN A 176 -16.27 11.86 -10.62
CA ASN A 176 -16.05 11.22 -11.91
C ASN A 176 -15.12 12.03 -12.82
N VAL A 177 -14.14 12.67 -12.19
CA VAL A 177 -13.17 13.46 -12.93
C VAL A 177 -11.91 12.61 -12.99
N VAL A 178 -11.35 12.41 -14.19
CA VAL A 178 -10.12 11.62 -14.29
C VAL A 178 -8.96 12.53 -14.60
N LYS A 179 -7.77 12.11 -14.16
CA LYS A 179 -6.58 12.90 -14.40
C LYS A 179 -5.44 12.08 -14.97
N ILE A 180 -4.74 12.67 -15.92
CA ILE A 180 -3.61 12.02 -16.54
C ILE A 180 -2.40 12.19 -15.62
N CYS A 181 -1.70 11.09 -15.37
CA CYS A 181 -0.53 11.14 -14.53
C CYS A 181 0.52 10.26 -15.17
N ASP A 182 1.64 10.06 -14.48
CA ASP A 182 2.71 9.22 -14.99
C ASP A 182 3.54 8.67 -13.83
N PHE A 183 3.25 7.45 -13.40
CA PHE A 183 4.01 6.83 -12.32
C PHE A 183 5.48 6.73 -12.68
N GLY A 184 5.79 6.85 -13.97
CA GLY A 184 7.16 6.78 -14.40
C GLY A 184 7.71 5.37 -14.24
N PRO A 204 5.87 -2.21 -21.98
CA PRO A 204 4.44 -2.14 -22.28
C PRO A 204 4.17 -2.02 -23.78
N LEU A 205 4.73 -2.98 -24.53
CA LEU A 205 4.56 -3.03 -25.98
C LEU A 205 3.10 -2.97 -26.42
N LYS A 206 2.21 -3.49 -25.58
CA LYS A 206 0.79 -3.52 -25.91
C LYS A 206 0.14 -2.16 -26.16
N TRP A 207 0.76 -1.10 -25.68
CA TRP A 207 0.24 0.27 -25.85
C TRP A 207 1.05 1.06 -26.87
N MET A 208 2.15 0.47 -27.32
CA MET A 208 3.05 1.12 -28.27
C MET A 208 2.68 1.00 -29.74
N ALA A 209 2.74 2.14 -30.43
CA ALA A 209 2.45 2.20 -31.86
C ALA A 209 3.51 1.41 -32.62
N PRO A 210 3.19 1.00 -33.85
CA PRO A 210 4.16 0.24 -34.66
C PRO A 210 5.48 1.00 -34.86
N GLU A 211 5.40 2.27 -35.24
CA GLU A 211 6.60 3.05 -35.48
C GLU A 211 7.44 3.26 -34.22
N THR A 212 6.81 3.15 -33.06
CA THR A 212 7.52 3.31 -31.79
C THR A 212 8.31 2.04 -31.51
N ILE A 213 7.71 0.91 -31.85
CA ILE A 213 8.35 -0.37 -31.65
C ILE A 213 9.45 -0.61 -32.67
N PHE A 214 9.10 -0.43 -33.94
CA PHE A 214 10.03 -0.67 -35.02
C PHE A 214 11.02 0.44 -35.35
N ASP A 215 10.70 1.67 -34.95
CA ASP A 215 11.59 2.80 -35.24
C ASP A 215 11.98 3.61 -34.01
N ARG A 216 11.43 3.27 -32.86
CA ARG A 216 11.75 3.99 -31.63
C ARG A 216 11.40 5.46 -31.80
N VAL A 217 10.37 5.71 -32.60
CA VAL A 217 9.90 7.06 -32.85
C VAL A 217 8.71 7.39 -31.96
N TYR A 218 8.83 8.46 -31.17
CA TYR A 218 7.74 8.87 -30.30
C TYR A 218 7.24 10.23 -30.75
N THR A 219 5.93 10.36 -30.95
CA THR A 219 5.34 11.62 -31.36
C THR A 219 3.94 11.74 -30.77
N ILE A 220 3.30 12.87 -31.04
CA ILE A 220 1.95 13.08 -30.56
C ILE A 220 1.06 12.02 -31.20
N GLN A 221 1.40 11.62 -32.42
CA GLN A 221 0.60 10.63 -33.12
C GLN A 221 0.79 9.22 -32.58
N SER A 222 1.91 8.97 -31.91
CA SER A 222 2.10 7.64 -31.34
C SER A 222 1.30 7.64 -30.02
N ASP A 223 1.11 8.83 -29.44
CA ASP A 223 0.29 8.91 -28.24
C ASP A 223 -1.17 8.66 -28.64
N VAL A 224 -1.54 8.99 -29.88
CA VAL A 224 -2.90 8.76 -30.32
C VAL A 224 -3.18 7.26 -30.44
N TRP A 225 -2.19 6.50 -30.90
CA TRP A 225 -2.32 5.05 -30.98
C TRP A 225 -2.63 4.53 -29.57
N SER A 226 -1.83 4.98 -28.59
CA SER A 226 -2.01 4.59 -27.19
C SER A 226 -3.39 4.95 -26.68
N PHE A 227 -3.86 6.14 -27.01
CA PHE A 227 -5.20 6.57 -26.57
C PHE A 227 -6.17 5.49 -27.07
N GLY A 228 -6.00 5.08 -28.32
CA GLY A 228 -6.86 4.06 -28.88
C GLY A 228 -6.87 2.83 -27.99
N VAL A 229 -5.71 2.40 -27.52
CA VAL A 229 -5.62 1.23 -26.64
C VAL A 229 -6.31 1.54 -25.30
N LEU A 230 -6.20 2.78 -24.84
CA LEU A 230 -6.86 3.20 -23.61
C LEU A 230 -8.39 3.13 -23.77
N LEU A 231 -8.90 3.52 -24.94
CA LEU A 231 -10.34 3.44 -25.20
C LEU A 231 -10.80 1.99 -25.08
N TRP A 232 -10.01 1.09 -25.63
CA TRP A 232 -10.35 -0.33 -25.56
C TRP A 232 -10.42 -0.71 -24.08
N GLU A 233 -9.40 -0.32 -23.31
CA GLU A 233 -9.36 -0.62 -21.88
C GLU A 233 -10.61 -0.10 -21.18
N ILE A 234 -11.01 1.11 -21.54
CA ILE A 234 -12.19 1.70 -20.93
C ILE A 234 -13.47 0.95 -21.29
N PHE A 235 -13.65 0.62 -22.56
CA PHE A 235 -14.86 -0.06 -22.96
C PHE A 235 -14.83 -1.58 -22.85
N SER A 236 -13.85 -2.09 -22.11
CA SER A 236 -13.72 -3.51 -21.83
C SER A 236 -13.77 -3.53 -20.29
N LEU A 237 -14.02 -2.35 -19.73
CA LEU A 237 -14.06 -2.18 -18.28
C LEU A 237 -12.82 -2.75 -17.61
N GLY A 238 -11.66 -2.18 -17.94
CA GLY A 238 -10.40 -2.60 -17.34
C GLY A 238 -9.73 -3.90 -17.73
N ALA A 239 -10.03 -4.47 -18.89
CA ALA A 239 -9.38 -5.72 -19.32
C ALA A 239 -7.97 -5.44 -19.85
N SER A 240 -7.09 -6.44 -19.84
CA SER A 240 -5.76 -6.24 -20.36
C SER A 240 -5.86 -6.41 -21.88
N PRO A 241 -5.27 -5.47 -22.64
CA PRO A 241 -5.31 -5.53 -24.10
C PRO A 241 -4.74 -6.80 -24.70
N TYR A 242 -5.22 -7.14 -25.90
CA TYR A 242 -4.78 -8.36 -26.60
C TYR A 242 -4.91 -9.58 -25.71
N PRO A 243 -6.14 -9.91 -25.30
CA PRO A 243 -6.37 -11.07 -24.43
C PRO A 243 -5.99 -12.38 -25.12
N GLY A 244 -5.25 -13.21 -24.39
CA GLY A 244 -4.84 -14.50 -24.91
C GLY A 244 -3.84 -14.41 -26.05
N VAL A 245 -2.84 -13.56 -25.92
CA VAL A 245 -1.84 -13.41 -26.96
C VAL A 245 -0.46 -13.23 -26.36
N LYS A 246 0.48 -14.03 -26.83
CA LYS A 246 1.85 -13.93 -26.34
C LYS A 246 2.48 -12.73 -27.06
N ILE A 247 3.05 -11.82 -26.28
CA ILE A 247 3.66 -10.65 -26.86
C ILE A 247 5.08 -11.02 -27.31
N ASP A 248 5.15 -11.71 -28.43
CA ASP A 248 6.41 -12.15 -29.01
C ASP A 248 6.61 -11.50 -30.37
N GLU A 249 7.42 -12.13 -31.22
CA GLU A 249 7.70 -11.62 -32.55
C GLU A 249 6.46 -11.60 -33.44
N GLU A 250 5.63 -12.63 -33.34
CA GLU A 250 4.42 -12.73 -34.13
C GLU A 250 3.48 -11.57 -33.83
N PHE A 251 3.34 -11.26 -32.55
CA PHE A 251 2.48 -10.16 -32.14
C PHE A 251 2.89 -8.88 -32.86
N CYS A 252 4.19 -8.62 -32.86
CA CYS A 252 4.71 -7.43 -33.50
C CYS A 252 4.53 -7.42 -35.01
N ARG A 253 4.77 -8.58 -35.63
CA ARG A 253 4.62 -8.70 -37.09
C ARG A 253 3.16 -8.45 -37.48
N ARG A 254 2.23 -9.08 -36.77
CA ARG A 254 0.82 -8.90 -37.10
C ARG A 254 0.39 -7.46 -36.94
N LEU A 255 0.91 -6.81 -35.90
CA LEU A 255 0.58 -5.42 -35.65
C LEU A 255 1.01 -4.61 -36.86
N LYS A 256 2.25 -4.83 -37.28
CA LYS A 256 2.82 -4.16 -38.45
C LYS A 256 1.98 -4.47 -39.69
N GLU A 257 1.51 -5.71 -39.81
CA GLU A 257 0.73 -6.14 -40.96
C GLU A 257 -0.72 -5.61 -41.00
N GLY A 258 -1.20 -5.04 -39.89
CA GLY A 258 -2.56 -4.52 -39.89
C GLY A 258 -3.55 -5.21 -38.97
N THR A 259 -3.10 -6.20 -38.21
CA THR A 259 -4.01 -6.89 -37.28
C THR A 259 -4.34 -5.96 -36.11
N ARG A 260 -5.61 -5.95 -35.71
CA ARG A 260 -6.06 -5.10 -34.62
C ARG A 260 -6.90 -5.88 -33.63
N MET A 261 -7.15 -5.30 -32.46
CA MET A 261 -7.97 -5.95 -31.45
C MET A 261 -9.42 -5.94 -31.91
N ARG A 262 -10.19 -6.90 -31.43
CA ARG A 262 -11.61 -6.95 -31.76
C ARG A 262 -12.29 -6.03 -30.75
N ALA A 263 -13.52 -5.62 -31.04
CA ALA A 263 -14.26 -4.74 -30.16
C ALA A 263 -14.44 -5.30 -28.74
N PRO A 264 -14.24 -4.46 -27.72
CA PRO A 264 -14.41 -4.90 -26.33
C PRO A 264 -15.90 -5.16 -26.06
N ASP A 265 -16.22 -5.72 -24.89
CA ASP A 265 -17.61 -6.04 -24.55
C ASP A 265 -18.57 -4.89 -24.29
N TYR A 266 -18.10 -3.71 -23.91
CA TYR A 266 -19.04 -2.61 -23.62
C TYR A 266 -18.96 -1.41 -24.56
N THR A 267 -18.41 -1.61 -25.74
CA THR A 267 -18.29 -0.53 -26.70
C THR A 267 -19.53 -0.33 -27.55
N THR A 268 -19.67 0.88 -28.10
CA THR A 268 -20.77 1.20 -29.00
C THR A 268 -20.08 1.08 -30.35
N PRO A 269 -20.85 1.03 -31.44
CA PRO A 269 -20.18 0.92 -32.74
C PRO A 269 -19.28 2.10 -33.09
N GLU A 270 -19.69 3.31 -32.72
CA GLU A 270 -18.88 4.50 -33.03
C GLU A 270 -17.54 4.46 -32.28
N MET A 271 -17.59 4.16 -31.00
CA MET A 271 -16.38 4.11 -30.19
C MET A 271 -15.37 3.09 -30.71
N TYR A 272 -15.84 1.97 -31.23
CA TYR A 272 -14.91 0.96 -31.75
C TYR A 272 -14.23 1.46 -33.02
N GLN A 273 -14.98 2.23 -33.82
CA GLN A 273 -14.46 2.75 -35.06
C GLN A 273 -13.42 3.83 -34.71
N THR A 274 -13.67 4.55 -33.62
CA THR A 274 -12.71 5.58 -33.22
C THR A 274 -11.43 4.90 -32.80
N MET A 275 -11.54 3.75 -32.14
CA MET A 275 -10.33 3.01 -31.75
C MET A 275 -9.58 2.69 -33.03
N LEU A 276 -10.29 2.15 -34.02
CA LEU A 276 -9.66 1.78 -35.29
C LEU A 276 -8.99 2.98 -35.96
N ASP A 277 -9.62 4.16 -35.88
CA ASP A 277 -9.03 5.36 -36.46
C ASP A 277 -7.70 5.69 -35.75
N CYS A 278 -7.65 5.44 -34.43
CA CYS A 278 -6.44 5.68 -33.67
C CYS A 278 -5.38 4.63 -33.99
N TRP A 279 -5.81 3.46 -34.47
CA TRP A 279 -4.83 2.42 -34.80
C TRP A 279 -4.46 2.39 -36.28
N HIS A 280 -4.66 3.49 -36.98
CA HIS A 280 -4.31 3.52 -38.39
C HIS A 280 -2.79 3.26 -38.54
N GLY A 281 -2.40 2.61 -39.63
CA GLY A 281 -0.99 2.31 -39.86
C GLY A 281 -0.15 3.56 -40.03
N GLU A 282 -0.64 4.52 -40.82
CA GLU A 282 0.07 5.77 -41.04
C GLU A 282 -0.29 6.81 -39.98
N PRO A 283 0.69 7.17 -39.14
CA PRO A 283 0.55 8.15 -38.06
C PRO A 283 -0.17 9.42 -38.49
N SER A 284 0.08 9.87 -39.72
CA SER A 284 -0.55 11.09 -40.21
C SER A 284 -2.04 10.93 -40.50
N GLN A 285 -2.52 9.69 -40.60
CA GLN A 285 -3.92 9.43 -40.89
C GLN A 285 -4.74 9.36 -39.62
N ARG A 286 -4.09 9.16 -38.49
CA ARG A 286 -4.79 9.09 -37.23
C ARG A 286 -5.39 10.45 -36.90
N PRO A 287 -6.47 10.49 -36.12
CA PRO A 287 -7.01 11.82 -35.82
C PRO A 287 -6.09 12.50 -34.81
N THR A 288 -6.22 13.82 -34.69
CA THR A 288 -5.44 14.59 -33.73
C THR A 288 -6.24 14.52 -32.43
N PHE A 289 -5.70 15.06 -31.35
CA PHE A 289 -6.43 15.04 -30.11
C PHE A 289 -7.57 16.06 -30.17
N SER A 290 -7.35 17.15 -30.90
CA SER A 290 -8.40 18.15 -31.07
C SER A 290 -9.62 17.50 -31.73
N GLU A 291 -9.39 16.68 -32.75
CA GLU A 291 -10.48 16.00 -33.45
C GLU A 291 -11.17 14.99 -32.53
N LEU A 292 -10.39 14.31 -31.68
CA LEU A 292 -10.98 13.33 -30.77
C LEU A 292 -11.80 14.07 -29.71
N VAL A 293 -11.33 15.24 -29.29
CA VAL A 293 -12.09 15.99 -28.28
C VAL A 293 -13.46 16.36 -28.86
N GLU A 294 -13.45 16.84 -30.09
CA GLU A 294 -14.67 17.27 -30.77
C GLU A 294 -15.58 16.07 -31.02
N HIS A 295 -14.99 14.99 -31.53
CA HIS A 295 -15.73 13.77 -31.83
C HIS A 295 -16.35 13.13 -30.56
N LEU A 296 -15.54 12.88 -29.54
CA LEU A 296 -16.03 12.31 -28.28
C LEU A 296 -17.11 13.22 -27.64
N GLY A 297 -16.92 14.53 -27.77
CA GLY A 297 -17.90 15.47 -27.23
C GLY A 297 -19.26 15.26 -27.86
N ASN A 298 -19.25 14.98 -29.17
CA ASN A 298 -20.49 14.72 -29.90
C ASN A 298 -21.10 13.37 -29.51
N LEU A 299 -20.26 12.34 -29.38
CA LEU A 299 -20.80 11.04 -28.99
C LEU A 299 -21.42 11.13 -27.60
N LEU A 300 -20.89 12.04 -26.78
CA LEU A 300 -21.40 12.24 -25.43
C LEU A 300 -22.72 13.00 -25.45
N GLN A 301 -22.82 13.99 -26.33
CA GLN A 301 -24.04 14.77 -26.44
C GLN A 301 -25.16 13.89 -27.01
N ALA A 302 -24.82 13.03 -27.97
CA ALA A 302 -25.81 12.15 -28.56
C ALA A 302 -26.30 11.18 -27.49
N ASN A 303 -25.35 10.55 -26.80
CA ASN A 303 -25.70 9.62 -25.73
C ASN A 303 -26.63 10.28 -24.73
N ALA A 304 -26.32 11.51 -24.36
CA ALA A 304 -27.14 12.23 -23.38
C ALA A 304 -28.57 12.44 -23.91
N GLN A 305 -28.69 12.86 -25.16
CA GLN A 305 -30.01 13.08 -25.77
C GLN A 305 -30.79 11.77 -25.78
N GLN A 306 -30.13 10.69 -26.17
CA GLN A 306 -30.78 9.40 -26.19
C GLN A 306 -31.29 9.09 -24.79
N ASP A 307 -30.44 9.30 -23.79
CA ASP A 307 -30.77 9.05 -22.39
C ASP A 307 -31.98 9.82 -21.86
N ARG A 308 -32.11 11.08 -22.24
CA ARG A 308 -33.25 11.87 -21.76
C ARG A 308 -34.54 11.22 -22.23
N HIS A 309 -34.55 10.76 -23.47
CA HIS A 309 -35.73 10.10 -24.03
C HIS A 309 -36.03 8.78 -23.33
N HIS A 310 -35.00 7.96 -23.15
CA HIS A 310 -35.17 6.67 -22.47
C HIS A 310 -35.78 6.87 -21.09
N HIS A 311 -35.28 7.89 -20.40
CA HIS A 311 -35.72 8.24 -19.06
C HIS A 311 -37.15 8.77 -19.05
N HIS A 312 -37.51 9.53 -20.09
CA HIS A 312 -38.83 10.12 -20.22
C HIS A 312 -39.91 9.11 -20.63
N HIS A 313 -39.49 8.02 -21.26
CA HIS A 313 -40.43 6.99 -21.72
C HIS A 313 -40.59 5.82 -20.75
N HIS A 314 -39.63 5.65 -19.84
CA HIS A 314 -39.68 4.55 -18.88
C HIS A 314 -39.35 4.98 -17.45
N PRO B 7 28.03 -1.29 24.26
CA PRO B 7 28.84 -0.92 23.07
C PRO B 7 28.18 0.24 22.33
N TYR B 8 27.25 0.90 23.01
CA TYR B 8 26.47 2.02 22.47
C TYR B 8 27.14 3.00 21.50
N ASP B 9 26.76 2.93 20.23
CA ASP B 9 27.31 3.82 19.21
C ASP B 9 26.40 5.04 19.10
N ALA B 10 26.72 6.08 19.86
CA ALA B 10 25.94 7.30 19.87
C ALA B 10 25.89 7.94 18.47
N SER B 11 26.97 7.80 17.72
CA SER B 11 27.01 8.38 16.39
C SER B 11 25.95 7.81 15.45
N LYS B 12 25.48 6.61 15.75
CA LYS B 12 24.48 5.99 14.90
C LYS B 12 23.08 5.93 15.49
N TRP B 13 22.98 6.02 16.81
CA TRP B 13 21.68 5.92 17.47
C TRP B 13 21.13 7.13 18.22
N GLU B 14 22.01 7.98 18.74
CA GLU B 14 21.57 9.13 19.50
C GLU B 14 20.78 10.13 18.68
N PHE B 15 19.57 10.45 19.14
CA PHE B 15 18.70 11.40 18.46
C PHE B 15 18.50 12.56 19.44
N PRO B 16 18.64 13.79 18.95
CA PRO B 16 18.48 15.02 19.75
C PRO B 16 17.06 15.14 20.29
N ARG B 17 16.93 15.31 21.61
CA ARG B 17 15.62 15.44 22.22
C ARG B 17 14.77 16.59 21.65
N ASP B 18 15.40 17.70 21.27
CA ASP B 18 14.65 18.82 20.73
C ASP B 18 14.05 18.59 19.34
N ARG B 19 14.29 17.42 18.75
CA ARG B 19 13.73 17.13 17.44
C ARG B 19 12.63 16.08 17.64
N LEU B 20 12.20 15.94 18.89
CA LEU B 20 11.18 14.97 19.26
C LEU B 20 10.04 15.68 19.96
N LYS B 21 8.84 15.64 19.37
CA LYS B 21 7.68 16.28 19.99
C LYS B 21 6.75 15.21 20.54
N LEU B 22 6.82 14.99 21.85
CA LEU B 22 6.00 13.99 22.53
C LEU B 22 4.51 14.26 22.39
N GLY B 23 3.75 13.20 22.15
CA GLY B 23 2.31 13.31 22.00
C GLY B 23 1.51 12.47 22.98
N LYS B 24 0.44 11.87 22.49
CA LYS B 24 -0.42 11.05 23.32
C LYS B 24 0.13 9.65 23.61
N PRO B 25 -0.07 9.16 24.85
CA PRO B 25 0.36 7.84 25.33
C PRO B 25 -0.29 6.70 24.56
N LEU B 26 0.48 5.64 24.30
CA LEU B 26 -0.01 4.49 23.56
C LEU B 26 -0.21 3.33 24.52
N GLY B 27 0.31 3.49 25.73
CA GLY B 27 0.20 2.45 26.74
C GLY B 27 0.95 2.84 28.00
N ARG B 28 0.35 2.55 29.14
CA ARG B 28 0.94 2.86 30.43
C ARG B 28 1.09 1.57 31.23
N GLY B 29 2.14 1.49 32.05
CA GLY B 29 2.36 0.29 32.84
C GLY B 29 3.26 0.53 34.03
N GLY B 32 6.94 2.46 33.42
CA GLY B 32 7.13 3.39 32.32
C GLY B 32 5.88 3.58 31.48
N GLN B 33 6.03 4.36 30.41
CA GLN B 33 4.91 4.63 29.51
C GLN B 33 5.39 4.65 28.06
N VAL B 34 4.53 4.21 27.15
CA VAL B 34 4.87 4.22 25.74
C VAL B 34 4.11 5.40 25.18
N ILE B 35 4.81 6.27 24.46
CA ILE B 35 4.18 7.45 23.92
C ILE B 35 4.41 7.69 22.43
N GLU B 36 3.37 8.17 21.78
CA GLU B 36 3.39 8.48 20.36
C GLU B 36 4.12 9.82 20.25
N ALA B 37 4.96 9.98 19.23
CA ALA B 37 5.71 11.22 19.07
C ALA B 37 6.02 11.56 17.61
N ASP B 38 6.30 12.83 17.36
CA ASP B 38 6.68 13.32 16.02
C ASP B 38 8.18 13.54 16.04
N ALA B 39 8.91 12.81 15.19
CA ALA B 39 10.35 12.93 15.14
C ALA B 39 10.78 13.69 13.89
N PHE B 40 11.49 14.79 14.09
CA PHE B 40 11.96 15.59 12.98
C PHE B 40 13.34 15.13 12.51
N GLY B 41 13.37 14.54 11.32
CA GLY B 41 14.62 14.07 10.74
C GLY B 41 15.29 12.89 11.40
N ILE B 42 14.53 11.88 11.80
CA ILE B 42 15.17 10.73 12.42
C ILE B 42 15.77 9.80 11.36
N ASP B 43 15.41 10.01 10.10
CA ASP B 43 15.98 9.20 9.02
C ASP B 43 16.51 10.14 7.93
N LYS B 44 17.10 9.56 6.89
CA LYS B 44 17.69 10.33 5.80
C LYS B 44 16.75 11.18 4.93
N THR B 45 15.44 10.99 5.06
CA THR B 45 14.51 11.76 4.25
C THR B 45 14.37 13.19 4.79
N ALA B 46 14.82 13.40 6.02
CA ALA B 46 14.77 14.70 6.68
C ALA B 46 13.33 15.21 6.81
N THR B 47 12.39 14.28 6.84
CA THR B 47 10.97 14.58 6.97
C THR B 47 10.47 14.35 8.39
N CYS B 48 9.18 14.65 8.63
CA CYS B 48 8.60 14.44 9.95
C CYS B 48 8.06 13.02 10.01
N ARG B 49 8.38 12.31 11.08
CA ARG B 49 7.92 10.93 11.20
C ARG B 49 7.30 10.60 12.56
N THR B 50 6.22 9.83 12.54
CA THR B 50 5.56 9.44 13.79
C THR B 50 6.28 8.22 14.32
N VAL B 51 6.70 8.26 15.58
CA VAL B 51 7.41 7.15 16.20
C VAL B 51 6.83 6.78 17.56
N ALA B 52 7.22 5.63 18.09
CA ALA B 52 6.76 5.18 19.40
C ALA B 52 7.93 5.37 20.36
N VAL B 53 7.65 5.97 21.51
CA VAL B 53 8.69 6.26 22.50
C VAL B 53 8.51 5.63 23.88
N LYS B 54 9.50 4.83 24.29
CA LYS B 54 9.46 4.19 25.60
C LYS B 54 10.36 5.03 26.51
N MET B 55 9.82 5.52 27.61
CA MET B 55 10.63 6.35 28.52
C MET B 55 10.29 6.23 30.00
N LEU B 56 11.20 6.74 30.82
CA LEU B 56 11.03 6.74 32.26
C LEU B 56 10.52 8.12 32.67
N ALA B 60 12.32 7.46 38.83
CA ALA B 60 12.31 6.01 38.68
C ALA B 60 13.63 5.41 39.19
N THR B 61 13.54 4.18 39.70
CA THR B 61 14.71 3.48 40.24
C THR B 61 15.73 3.13 39.18
N HIS B 62 16.99 2.99 39.60
CA HIS B 62 18.07 2.64 38.69
C HIS B 62 17.78 1.31 38.00
N SER B 63 17.07 0.43 38.71
CA SER B 63 16.72 -0.89 38.20
C SER B 63 15.90 -0.80 36.90
N GLU B 64 14.97 0.15 36.86
CA GLU B 64 14.13 0.32 35.67
C GLU B 64 14.95 0.98 34.58
N HIS B 65 15.77 1.96 34.95
CA HIS B 65 16.62 2.64 33.99
C HIS B 65 17.54 1.59 33.38
N ARG B 66 17.93 0.63 34.21
CA ARG B 66 18.80 -0.46 33.80
C ARG B 66 18.05 -1.31 32.77
N ALA B 67 16.80 -1.65 33.09
CA ALA B 67 15.99 -2.48 32.21
C ALA B 67 15.75 -1.81 30.84
N LEU B 68 15.38 -0.54 30.85
CA LEU B 68 15.13 0.17 29.60
C LEU B 68 16.41 0.22 28.77
N MET B 69 17.54 0.47 29.42
CA MET B 69 18.81 0.52 28.73
C MET B 69 19.08 -0.86 28.12
N SER B 70 18.67 -1.91 28.82
CA SER B 70 18.87 -3.28 28.32
C SER B 70 18.08 -3.51 27.06
N GLU B 71 16.82 -3.07 27.07
CA GLU B 71 15.97 -3.23 25.89
C GLU B 71 16.66 -2.57 24.71
N LEU B 72 17.26 -1.41 24.96
CA LEU B 72 17.95 -0.67 23.91
C LEU B 72 19.12 -1.47 23.36
N LYS B 73 19.95 -2.01 24.24
CA LYS B 73 21.11 -2.80 23.83
C LYS B 73 20.66 -3.97 22.98
N ILE B 74 19.67 -4.69 23.49
CA ILE B 74 19.13 -5.84 22.78
C ILE B 74 18.62 -5.49 21.38
N LEU B 75 17.83 -4.42 21.27
CA LEU B 75 17.29 -4.01 19.98
C LEU B 75 18.42 -3.66 19.00
N ILE B 76 19.52 -3.13 19.54
CA ILE B 76 20.66 -2.77 18.73
C ILE B 76 21.36 -4.05 18.26
N HIS B 77 21.44 -5.01 19.18
CA HIS B 77 22.06 -6.31 18.96
C HIS B 77 21.35 -7.25 18.00
N ILE B 78 20.04 -7.42 18.15
CA ILE B 78 19.28 -8.32 17.28
C ILE B 78 19.36 -7.98 15.80
N GLY B 79 19.39 -6.68 15.51
CA GLY B 79 19.44 -6.28 14.11
C GLY B 79 18.06 -6.06 13.55
N HIS B 80 18.00 -5.71 12.27
CA HIS B 80 16.72 -5.44 11.60
C HIS B 80 16.06 -6.65 10.93
N HIS B 81 14.73 -6.62 10.90
CA HIS B 81 13.90 -7.65 10.26
C HIS B 81 12.53 -7.03 10.05
N LEU B 82 11.96 -7.24 8.87
CA LEU B 82 10.67 -6.68 8.49
C LEU B 82 9.47 -7.02 9.39
N ASN B 83 9.56 -8.09 10.17
CA ASN B 83 8.45 -8.47 11.03
C ASN B 83 8.69 -8.29 12.53
N VAL B 84 9.59 -7.39 12.87
CA VAL B 84 9.92 -7.08 14.25
C VAL B 84 10.06 -5.56 14.29
N VAL B 85 9.44 -4.91 15.27
CA VAL B 85 9.54 -3.47 15.38
C VAL B 85 11.01 -3.05 15.36
N ASN B 86 11.35 -2.16 14.43
CA ASN B 86 12.74 -1.71 14.28
C ASN B 86 13.10 -0.47 15.08
N LEU B 87 14.29 -0.50 15.67
CA LEU B 87 14.81 0.60 16.46
C LEU B 87 15.20 1.78 15.55
N LEU B 88 14.79 2.99 15.93
CA LEU B 88 15.14 4.16 15.14
C LEU B 88 16.20 5.02 15.83
N GLY B 89 16.18 5.06 17.15
CA GLY B 89 17.15 5.85 17.87
C GLY B 89 16.91 5.92 19.37
N ALA B 90 17.67 6.77 20.04
CA ALA B 90 17.53 6.90 21.48
C ALA B 90 18.09 8.23 21.99
N CYS B 91 17.56 8.65 23.13
CA CYS B 91 18.00 9.88 23.77
C CYS B 91 18.56 9.42 25.10
N THR B 92 19.89 9.35 25.19
CA THR B 92 20.56 8.90 26.40
C THR B 92 21.46 9.97 27.04
N LYS B 93 22.01 10.85 26.21
CA LYS B 93 22.90 11.89 26.73
C LYS B 93 22.21 12.70 27.83
N PRO B 94 23.00 13.41 28.66
CA PRO B 94 22.50 14.24 29.75
C PRO B 94 21.59 15.37 29.28
N GLY B 95 20.65 15.76 30.13
CA GLY B 95 19.75 16.85 29.78
C GLY B 95 18.29 16.46 29.75
N GLY B 96 18.00 15.20 30.07
CA GLY B 96 16.62 14.76 30.07
C GLY B 96 16.44 13.28 30.33
N PRO B 97 15.21 12.79 30.22
CA PRO B 97 14.80 11.39 30.44
C PRO B 97 15.36 10.42 29.40
N LEU B 98 15.58 9.18 29.82
CA LEU B 98 16.06 8.16 28.90
C LEU B 98 14.90 7.82 27.96
N MET B 99 15.17 7.73 26.66
CA MET B 99 14.11 7.43 25.72
C MET B 99 14.57 6.43 24.66
N VAL B 100 13.68 5.54 24.29
CA VAL B 100 13.97 4.55 23.27
C VAL B 100 12.93 4.70 22.17
N ILE B 101 13.40 5.04 20.98
CA ILE B 101 12.52 5.28 19.85
C ILE B 101 12.50 4.18 18.80
N VAL B 102 11.28 3.76 18.43
CA VAL B 102 11.09 2.73 17.43
C VAL B 102 10.04 3.20 16.46
N GLU B 103 9.93 2.50 15.33
CA GLU B 103 8.96 2.81 14.30
C GLU B 103 7.54 2.61 14.84
N PHE B 104 6.65 3.53 14.47
CA PHE B 104 5.27 3.48 14.91
C PHE B 104 4.42 2.55 14.04
N CYS B 105 3.55 1.78 14.66
CA CYS B 105 2.64 0.88 13.94
C CYS B 105 1.25 1.46 14.17
N LYS B 106 0.83 2.31 13.24
CA LYS B 106 -0.44 3.00 13.33
C LYS B 106 -1.72 2.20 13.60
N PHE B 107 -1.83 0.98 13.09
CA PHE B 107 -3.08 0.23 13.31
C PHE B 107 -3.26 -0.52 14.63
N GLY B 108 -2.34 -0.37 15.58
CA GLY B 108 -2.50 -1.03 16.85
C GLY B 108 -2.26 -2.54 16.84
N ASN B 109 -2.56 -3.20 17.95
CA ASN B 109 -2.34 -4.64 18.06
C ASN B 109 -3.34 -5.51 17.29
N LEU B 110 -2.87 -6.71 16.94
CA LEU B 110 -3.65 -7.67 16.17
C LEU B 110 -4.97 -8.11 16.79
N SER B 111 -5.02 -8.23 18.11
CA SER B 111 -6.26 -8.66 18.76
C SER B 111 -7.37 -7.63 18.57
N THR B 112 -7.08 -6.39 18.90
CA THR B 112 -8.05 -5.31 18.75
C THR B 112 -8.49 -5.16 17.29
N TYR B 113 -7.53 -5.22 16.37
CA TYR B 113 -7.82 -5.10 14.94
C TYR B 113 -8.77 -6.19 14.44
N LEU B 114 -8.43 -7.44 14.73
CA LEU B 114 -9.25 -8.57 14.32
C LEU B 114 -10.68 -8.47 14.88
N ARG B 115 -10.81 -8.01 16.13
CA ARG B 115 -12.14 -7.89 16.70
C ARG B 115 -12.97 -6.89 15.92
N SER B 116 -12.31 -5.84 15.43
CA SER B 116 -12.99 -4.80 14.66
C SER B 116 -13.36 -5.27 13.25
N LYS B 117 -12.83 -6.42 12.85
CA LYS B 117 -13.08 -6.95 11.52
C LYS B 117 -14.02 -8.15 11.46
N ARG B 118 -14.58 -8.54 12.60
CA ARG B 118 -15.49 -9.69 12.61
C ARG B 118 -16.69 -9.54 11.69
N ASN B 119 -17.29 -8.35 11.69
CA ASN B 119 -18.46 -8.11 10.85
C ASN B 119 -18.11 -7.77 9.40
N GLU B 120 -16.89 -8.09 9.00
CA GLU B 120 -16.43 -7.81 7.64
C GLU B 120 -15.45 -8.87 7.19
N PHE B 121 -15.65 -10.10 7.66
CA PHE B 121 -14.74 -11.19 7.30
C PHE B 121 -15.40 -12.27 6.44
N VAL B 122 -14.63 -12.80 5.49
CA VAL B 122 -15.11 -13.87 4.62
C VAL B 122 -14.04 -14.92 4.46
N PRO B 123 -14.38 -16.17 4.74
CA PRO B 123 -13.53 -17.35 4.68
C PRO B 123 -13.14 -17.82 3.28
N TYR B 124 -13.23 -16.97 2.28
CA TYR B 124 -12.89 -17.41 0.93
C TYR B 124 -12.21 -16.39 0.02
N LYS B 125 -11.63 -16.91 -1.06
CA LYS B 125 -10.91 -16.13 -2.06
C LYS B 125 -11.54 -14.79 -2.46
N PHE B 135 -12.29 -6.02 2.95
CA PHE B 135 -12.62 -7.20 3.74
C PHE B 135 -11.38 -7.91 4.26
N LEU B 136 -11.61 -8.78 5.23
CA LEU B 136 -10.56 -9.59 5.82
C LEU B 136 -10.88 -10.99 5.33
N THR B 137 -9.86 -11.72 4.90
CA THR B 137 -10.08 -13.06 4.40
C THR B 137 -9.26 -14.09 5.16
N LEU B 138 -9.61 -15.36 4.97
CA LEU B 138 -8.91 -16.46 5.63
C LEU B 138 -7.45 -16.35 5.23
N GLU B 139 -7.21 -15.90 4.00
CA GLU B 139 -5.86 -15.74 3.49
C GLU B 139 -5.06 -14.77 4.36
N HIS B 140 -5.69 -13.66 4.76
CA HIS B 140 -5.05 -12.67 5.59
C HIS B 140 -4.54 -13.29 6.91
N LEU B 141 -5.39 -14.10 7.52
CA LEU B 141 -5.07 -14.76 8.78
C LEU B 141 -3.82 -15.63 8.66
N ILE B 142 -3.76 -16.44 7.61
CA ILE B 142 -2.61 -17.31 7.39
C ILE B 142 -1.39 -16.46 7.09
N CYS B 143 -1.62 -15.29 6.49
CA CYS B 143 -0.53 -14.40 6.15
C CYS B 143 0.08 -13.86 7.45
N TYR B 144 -0.79 -13.34 8.31
CA TYR B 144 -0.35 -12.81 9.60
C TYR B 144 0.38 -13.88 10.40
N SER B 145 -0.09 -15.13 10.32
CA SER B 145 0.54 -16.23 11.05
C SER B 145 1.94 -16.46 10.51
N PHE B 146 2.05 -16.43 9.19
CA PHE B 146 3.32 -16.61 8.49
C PHE B 146 4.34 -15.56 8.88
N GLN B 147 3.92 -14.29 8.86
CA GLN B 147 4.81 -13.20 9.22
C GLN B 147 5.34 -13.32 10.64
N VAL B 148 4.46 -13.60 11.59
CA VAL B 148 4.91 -13.71 12.97
C VAL B 148 5.89 -14.86 13.12
N ALA B 149 5.65 -15.95 12.40
CA ALA B 149 6.56 -17.07 12.49
C ALA B 149 7.90 -16.63 11.90
N LYS B 150 7.86 -15.91 10.79
CA LYS B 150 9.09 -15.42 10.16
C LYS B 150 9.87 -14.57 11.15
N GLY B 151 9.15 -13.70 11.85
CA GLY B 151 9.78 -12.84 12.84
C GLY B 151 10.31 -13.64 14.01
N MET B 152 9.53 -14.61 14.47
CA MET B 152 9.95 -15.45 15.59
C MET B 152 11.17 -16.29 15.22
N GLU B 153 11.19 -16.79 13.98
CA GLU B 153 12.32 -17.58 13.49
C GLU B 153 13.56 -16.71 13.53
N PHE B 154 13.42 -15.46 13.11
CA PHE B 154 14.52 -14.52 13.13
C PHE B 154 15.01 -14.37 14.58
N LEU B 155 14.08 -14.06 15.48
CA LEU B 155 14.42 -13.89 16.89
C LEU B 155 15.07 -15.14 17.47
N ALA B 156 14.63 -16.31 17.01
CA ALA B 156 15.19 -17.57 17.50
C ALA B 156 16.65 -17.67 17.07
N SER B 157 16.93 -17.36 15.81
CA SER B 157 18.30 -17.42 15.28
C SER B 157 19.26 -16.57 16.13
N ARG B 158 18.84 -15.35 16.47
CA ARG B 158 19.66 -14.45 17.27
C ARG B 158 19.66 -14.90 18.73
N LYS B 159 19.04 -16.05 18.99
CA LYS B 159 18.97 -16.61 20.34
C LYS B 159 18.19 -15.71 21.29
N CYS B 160 17.12 -15.12 20.78
CA CYS B 160 16.27 -14.25 21.58
C CYS B 160 14.99 -14.97 21.93
N ILE B 161 14.52 -14.78 23.17
CA ILE B 161 13.28 -15.39 23.64
C ILE B 161 12.36 -14.26 24.07
N HIS B 162 11.20 -14.14 23.41
CA HIS B 162 10.26 -13.08 23.71
C HIS B 162 9.71 -13.13 25.13
N ARG B 163 9.16 -14.29 25.51
CA ARG B 163 8.61 -14.53 26.86
C ARG B 163 7.19 -14.01 27.08
N ASP B 164 6.65 -13.33 26.09
CA ASP B 164 5.30 -12.81 26.20
C ASP B 164 4.74 -12.55 24.80
N LEU B 165 4.76 -13.62 23.99
CA LEU B 165 4.28 -13.60 22.63
C LEU B 165 2.76 -13.74 22.68
N ALA B 166 2.06 -12.71 22.23
CA ALA B 166 0.60 -12.70 22.25
C ALA B 166 0.12 -11.63 21.27
N ALA B 167 -1.12 -11.75 20.84
CA ALA B 167 -1.71 -10.82 19.89
C ALA B 167 -1.55 -9.37 20.32
N ARG B 168 -1.52 -9.13 21.63
CA ARG B 168 -1.35 -7.76 22.13
C ARG B 168 0.07 -7.27 21.89
N ASN B 169 1.00 -8.17 21.56
CA ASN B 169 2.36 -7.76 21.28
C ASN B 169 2.66 -7.84 19.79
N ILE B 170 1.61 -8.00 18.99
CA ILE B 170 1.75 -8.03 17.54
C ILE B 170 1.06 -6.77 17.02
N LEU B 171 1.84 -5.86 16.44
CA LEU B 171 1.26 -4.62 15.94
C LEU B 171 1.10 -4.66 14.42
N LEU B 172 0.19 -3.85 13.92
CA LEU B 172 -0.11 -3.80 12.50
C LEU B 172 0.30 -2.48 11.85
N SER B 173 0.99 -2.59 10.72
CA SER B 173 1.37 -1.40 9.96
C SER B 173 0.82 -1.57 8.52
N GLU B 174 1.12 -0.61 7.64
CA GLU B 174 0.66 -0.60 6.25
C GLU B 174 1.00 -1.81 5.38
N LYS B 175 0.48 -1.81 4.13
CA LYS B 175 0.65 -2.91 3.22
C LYS B 175 0.42 -4.17 4.02
N ASN B 176 -0.30 -3.98 5.17
CA ASN B 176 -0.64 -4.96 6.22
C ASN B 176 0.32 -6.09 6.49
N VAL B 177 1.41 -5.60 7.10
CA VAL B 177 2.52 -6.42 7.52
C VAL B 177 2.42 -6.26 9.03
N VAL B 178 2.76 -7.31 9.76
CA VAL B 178 2.71 -7.23 11.21
C VAL B 178 4.11 -7.27 11.78
N LYS B 179 4.29 -6.64 12.93
CA LYS B 179 5.59 -6.61 13.57
C LYS B 179 5.50 -7.01 15.03
N ILE B 180 6.47 -7.81 15.44
CA ILE B 180 6.56 -8.29 16.80
C ILE B 180 7.13 -7.15 17.63
N CYS B 181 6.53 -6.90 18.80
CA CYS B 181 6.98 -5.85 19.70
C CYS B 181 6.87 -6.34 21.14
N ASP B 182 7.15 -5.45 22.08
CA ASP B 182 7.06 -5.77 23.50
C ASP B 182 6.77 -4.49 24.28
N PHE B 183 5.57 -4.36 24.81
CA PHE B 183 5.24 -3.15 25.57
C PHE B 183 5.98 -3.10 26.91
N GLY B 184 6.19 -4.26 27.51
CA GLY B 184 6.90 -4.32 28.78
C GLY B 184 6.27 -5.29 29.75
N LEU B 203 -4.40 -12.23 30.99
CA LEU B 203 -3.38 -12.65 31.96
C LEU B 203 -2.45 -13.68 31.34
N PRO B 204 -1.15 -13.35 31.22
CA PRO B 204 -0.02 -14.12 30.66
C PRO B 204 0.04 -15.62 30.95
N LEU B 205 -0.65 -16.07 32.00
CA LEU B 205 -0.66 -17.48 32.35
C LEU B 205 -1.23 -18.33 31.21
N LYS B 206 -2.26 -17.80 30.54
CA LYS B 206 -2.91 -18.52 29.43
C LYS B 206 -2.03 -18.65 28.19
N TRP B 207 -0.92 -17.93 28.16
CA TRP B 207 0.00 -17.98 27.02
C TRP B 207 1.26 -18.77 27.34
N MET B 208 1.47 -19.05 28.62
CA MET B 208 2.66 -19.77 29.06
C MET B 208 2.54 -21.30 28.97
N ALA B 209 3.60 -21.91 28.44
CA ALA B 209 3.63 -23.36 28.33
C ALA B 209 3.67 -23.92 29.74
N PRO B 210 3.31 -25.20 29.90
CA PRO B 210 3.31 -25.86 31.21
C PRO B 210 4.64 -25.79 31.96
N GLU B 211 5.73 -26.21 31.31
CA GLU B 211 7.04 -26.19 31.95
C GLU B 211 7.41 -24.82 32.52
N THR B 212 6.94 -23.76 31.86
CA THR B 212 7.25 -22.40 32.30
C THR B 212 6.48 -22.02 33.57
N ILE B 213 5.29 -22.58 33.73
CA ILE B 213 4.50 -22.29 34.93
C ILE B 213 5.09 -23.06 36.12
N PHE B 214 5.22 -24.38 35.98
CA PHE B 214 5.78 -25.20 37.05
C PHE B 214 7.21 -24.75 37.37
N ASP B 215 8.02 -24.57 36.33
CA ASP B 215 9.44 -24.18 36.43
C ASP B 215 9.97 -22.74 36.31
N ARG B 216 9.20 -21.82 35.73
CA ARG B 216 9.64 -20.43 35.58
C ARG B 216 10.85 -20.19 34.67
N VAL B 217 11.28 -21.20 33.92
CA VAL B 217 12.36 -21.00 32.92
C VAL B 217 11.72 -20.79 31.53
N TYR B 218 12.21 -19.82 30.79
CA TYR B 218 11.66 -19.56 29.45
C TYR B 218 12.63 -20.04 28.37
N THR B 219 12.07 -20.67 27.34
CA THR B 219 12.88 -21.18 26.23
C THR B 219 12.19 -20.85 24.92
N ILE B 220 12.85 -21.13 23.80
CA ILE B 220 12.25 -20.87 22.51
C ILE B 220 11.05 -21.80 22.36
N GLN B 221 11.12 -22.96 23.01
CA GLN B 221 10.06 -23.95 22.97
C GLN B 221 8.79 -23.45 23.67
N SER B 222 8.96 -22.67 24.73
CA SER B 222 7.79 -22.14 25.42
C SER B 222 7.22 -21.00 24.56
N ASP B 223 8.06 -20.38 23.73
CA ASP B 223 7.61 -19.32 22.83
C ASP B 223 6.78 -20.01 21.75
N VAL B 224 7.17 -21.23 21.39
CA VAL B 224 6.42 -21.96 20.37
C VAL B 224 5.01 -22.28 20.89
N TRP B 225 4.91 -22.66 22.16
CA TRP B 225 3.61 -22.95 22.74
C TRP B 225 2.79 -21.65 22.67
N SER B 226 3.44 -20.56 23.06
CA SER B 226 2.82 -19.24 23.05
C SER B 226 2.35 -18.93 21.63
N PHE B 227 3.08 -19.41 20.62
CA PHE B 227 2.71 -19.18 19.23
C PHE B 227 1.47 -19.98 18.88
N GLY B 228 1.25 -21.05 19.64
CA GLY B 228 0.06 -21.85 19.40
C GLY B 228 -1.12 -21.02 19.86
N VAL B 229 -1.00 -20.43 21.03
CA VAL B 229 -2.05 -19.62 21.61
C VAL B 229 -2.31 -18.42 20.67
N LEU B 230 -1.25 -17.80 20.17
CA LEU B 230 -1.40 -16.66 19.25
C LEU B 230 -2.22 -17.06 18.03
N LEU B 231 -1.93 -18.24 17.47
CA LEU B 231 -2.66 -18.74 16.30
C LEU B 231 -4.16 -18.85 16.62
N TRP B 232 -4.45 -19.35 17.82
CA TRP B 232 -5.82 -19.50 18.26
C TRP B 232 -6.46 -18.11 18.27
N GLU B 233 -5.78 -17.14 18.86
CA GLU B 233 -6.29 -15.76 18.90
C GLU B 233 -6.61 -15.27 17.48
N ILE B 234 -5.68 -15.50 16.56
CA ILE B 234 -5.86 -15.07 15.17
C ILE B 234 -7.07 -15.72 14.51
N PHE B 235 -7.19 -17.03 14.66
CA PHE B 235 -8.30 -17.75 14.06
C PHE B 235 -9.58 -17.77 14.88
N SER B 236 -9.61 -16.97 15.94
CA SER B 236 -10.82 -16.82 16.74
C SER B 236 -11.17 -15.35 16.50
N LEU B 237 -10.35 -14.71 15.67
CA LEU B 237 -10.51 -13.29 15.35
C LEU B 237 -10.49 -12.42 16.62
N GLY B 238 -9.43 -12.58 17.40
CA GLY B 238 -9.27 -11.79 18.59
C GLY B 238 -10.01 -12.23 19.84
N ALA B 239 -10.48 -13.47 19.89
CA ALA B 239 -11.17 -13.93 21.09
C ALA B 239 -10.18 -14.20 22.23
N SER B 240 -10.70 -14.22 23.45
CA SER B 240 -9.89 -14.47 24.64
C SER B 240 -9.76 -15.98 24.90
N PRO B 241 -8.51 -16.50 24.99
CA PRO B 241 -8.24 -17.93 25.23
C PRO B 241 -8.82 -18.52 26.53
N TYR B 242 -9.12 -19.82 26.49
CA TYR B 242 -9.71 -20.54 27.63
C TYR B 242 -10.88 -19.75 28.22
N PRO B 243 -11.85 -19.41 27.38
CA PRO B 243 -13.02 -18.64 27.85
C PRO B 243 -13.77 -19.27 29.03
N GLY B 244 -14.20 -18.41 29.96
CA GLY B 244 -14.93 -18.87 31.13
C GLY B 244 -14.22 -19.83 32.06
N VAL B 245 -12.89 -19.94 31.92
CA VAL B 245 -12.10 -20.85 32.75
C VAL B 245 -11.29 -20.08 33.80
N LYS B 246 -11.22 -20.61 35.00
CA LYS B 246 -10.44 -19.95 36.04
C LYS B 246 -9.00 -20.43 35.90
N ILE B 247 -8.07 -19.49 35.84
CA ILE B 247 -6.66 -19.85 35.72
C ILE B 247 -6.13 -20.15 37.12
N ASP B 248 -6.30 -21.40 37.54
CA ASP B 248 -5.88 -21.83 38.86
C ASP B 248 -5.11 -23.14 38.78
N GLU B 249 -4.80 -23.69 39.95
CA GLU B 249 -4.07 -24.96 40.03
C GLU B 249 -4.80 -26.04 39.25
N GLU B 250 -6.13 -25.94 39.22
CA GLU B 250 -6.95 -26.91 38.48
C GLU B 250 -6.72 -26.75 36.98
N PHE B 251 -6.67 -25.50 36.52
CA PHE B 251 -6.44 -25.20 35.11
C PHE B 251 -5.07 -25.75 34.73
N CYS B 252 -4.05 -25.37 35.50
CA CYS B 252 -2.69 -25.81 35.26
C CYS B 252 -2.62 -27.33 35.26
N ARG B 253 -3.50 -27.95 36.04
CA ARG B 253 -3.54 -29.40 36.13
C ARG B 253 -4.03 -30.02 34.82
N ARG B 254 -5.22 -29.62 34.39
CA ARG B 254 -5.79 -30.19 33.17
C ARG B 254 -4.89 -29.97 31.96
N LEU B 255 -3.99 -29.01 32.04
CA LEU B 255 -3.03 -28.80 30.93
C LEU B 255 -2.08 -30.00 30.96
N LYS B 256 -1.63 -30.33 32.17
CA LYS B 256 -0.73 -31.45 32.38
C LYS B 256 -1.33 -32.77 31.88
N GLU B 257 -2.63 -32.95 32.09
CA GLU B 257 -3.29 -34.16 31.64
C GLU B 257 -3.34 -34.20 30.11
N GLY B 258 -3.43 -33.04 29.50
CA GLY B 258 -3.49 -32.97 28.04
C GLY B 258 -4.66 -32.16 27.51
N THR B 259 -5.34 -31.46 28.42
CA THR B 259 -6.49 -30.62 28.06
C THR B 259 -6.03 -29.44 27.21
N ARG B 260 -6.62 -29.31 26.03
CA ARG B 260 -6.28 -28.24 25.09
C ARG B 260 -7.57 -27.54 24.60
N MET B 261 -7.45 -26.26 24.22
CA MET B 261 -8.62 -25.52 23.73
C MET B 261 -9.17 -26.17 22.47
N ARG B 262 -10.46 -25.96 22.21
CA ARG B 262 -11.09 -26.52 21.03
C ARG B 262 -10.75 -25.64 19.84
N ALA B 263 -10.98 -26.15 18.63
CA ALA B 263 -10.70 -25.40 17.42
C ALA B 263 -11.52 -24.12 17.41
N PRO B 264 -10.86 -22.98 17.14
CA PRO B 264 -11.54 -21.67 17.10
C PRO B 264 -12.55 -21.60 15.94
N ASP B 265 -13.46 -20.63 16.00
CA ASP B 265 -14.49 -20.51 14.98
C ASP B 265 -14.06 -20.35 13.51
N TYR B 266 -12.95 -19.67 13.24
CA TYR B 266 -12.53 -19.48 11.85
C TYR B 266 -11.25 -20.22 11.47
N THR B 267 -10.88 -21.23 12.23
CA THR B 267 -9.67 -21.98 11.90
C THR B 267 -9.93 -22.92 10.73
N THR B 268 -8.88 -23.61 10.31
CA THR B 268 -8.97 -24.57 9.24
C THR B 268 -8.61 -25.87 9.94
N PRO B 269 -8.98 -27.02 9.37
CA PRO B 269 -8.62 -28.27 10.04
C PRO B 269 -7.11 -28.37 10.18
N GLU B 270 -6.41 -27.91 9.14
CA GLU B 270 -4.96 -27.93 9.09
C GLU B 270 -4.32 -27.09 10.20
N MET B 271 -4.71 -25.82 10.26
CA MET B 271 -4.19 -24.88 11.24
C MET B 271 -4.41 -25.31 12.69
N TYR B 272 -5.53 -25.98 12.94
CA TYR B 272 -5.82 -26.43 14.30
C TYR B 272 -4.82 -27.52 14.71
N GLN B 273 -4.44 -28.35 13.74
CA GLN B 273 -3.48 -29.41 14.01
C GLN B 273 -2.17 -28.74 14.35
N THR B 274 -1.93 -27.61 13.69
CA THR B 274 -0.71 -26.84 13.92
C THR B 274 -0.70 -26.34 15.36
N MET B 275 -1.81 -25.76 15.79
CA MET B 275 -1.92 -25.27 17.17
C MET B 275 -1.65 -26.44 18.12
N LEU B 276 -2.23 -27.60 17.80
CA LEU B 276 -2.07 -28.81 18.60
C LEU B 276 -0.60 -29.21 18.67
N ASP B 277 0.11 -29.09 17.54
CA ASP B 277 1.51 -29.43 17.51
C ASP B 277 2.31 -28.47 18.39
N CYS B 278 2.00 -27.19 18.34
CA CYS B 278 2.70 -26.19 19.15
C CYS B 278 2.43 -26.38 20.64
N TRP B 279 1.28 -26.96 20.97
CA TRP B 279 0.92 -27.17 22.36
C TRP B 279 1.30 -28.57 22.84
N HIS B 280 2.21 -29.21 22.11
CA HIS B 280 2.66 -30.55 22.47
C HIS B 280 3.11 -30.57 23.93
N GLY B 281 2.70 -31.60 24.67
CA GLY B 281 3.08 -31.73 26.07
C GLY B 281 4.59 -31.69 26.28
N GLU B 282 5.32 -32.34 25.38
CA GLU B 282 6.77 -32.40 25.44
C GLU B 282 7.36 -31.30 24.55
N PRO B 283 8.17 -30.42 25.14
CA PRO B 283 8.81 -29.30 24.44
C PRO B 283 9.68 -29.70 23.25
N SER B 284 10.41 -30.81 23.37
CA SER B 284 11.28 -31.25 22.28
C SER B 284 10.49 -31.80 21.08
N GLN B 285 9.20 -32.05 21.27
CA GLN B 285 8.39 -32.57 20.18
C GLN B 285 7.61 -31.47 19.46
N ARG B 286 7.67 -30.25 19.98
CA ARG B 286 6.99 -29.12 19.36
C ARG B 286 7.80 -28.68 18.16
N PRO B 287 7.12 -28.30 17.07
CA PRO B 287 7.84 -27.86 15.88
C PRO B 287 8.65 -26.60 16.16
N THR B 288 9.65 -26.36 15.33
CA THR B 288 10.49 -25.18 15.49
C THR B 288 9.92 -24.06 14.63
N PHE B 289 10.27 -22.83 14.97
CA PHE B 289 9.77 -21.70 14.21
C PHE B 289 10.18 -21.81 12.74
N SER B 290 11.36 -22.37 12.49
CA SER B 290 11.80 -22.53 11.11
C SER B 290 10.91 -23.55 10.39
N GLU B 291 10.49 -24.59 11.10
CA GLU B 291 9.62 -25.60 10.51
C GLU B 291 8.22 -25.02 10.32
N LEU B 292 7.81 -24.14 11.24
CA LEU B 292 6.50 -23.50 11.17
C LEU B 292 6.43 -22.56 9.98
N VAL B 293 7.55 -21.91 9.67
CA VAL B 293 7.61 -20.99 8.53
C VAL B 293 7.47 -21.80 7.24
N GLU B 294 8.06 -22.98 7.26
CA GLU B 294 8.02 -23.88 6.12
C GLU B 294 6.59 -24.37 5.94
N HIS B 295 6.02 -24.92 7.01
CA HIS B 295 4.66 -25.43 6.97
C HIS B 295 3.66 -24.34 6.60
N LEU B 296 3.71 -23.21 7.29
CA LEU B 296 2.80 -22.09 7.02
C LEU B 296 3.07 -21.51 5.64
N GLY B 297 4.34 -21.50 5.23
CA GLY B 297 4.68 -20.98 3.93
C GLY B 297 3.91 -21.71 2.83
N ASN B 298 3.74 -23.02 3.00
CA ASN B 298 3.03 -23.82 2.01
C ASN B 298 1.52 -23.62 2.11
N LEU B 299 1.01 -23.44 3.33
CA LEU B 299 -0.42 -23.22 3.51
C LEU B 299 -0.86 -21.97 2.76
N LEU B 300 0.11 -21.10 2.48
CA LEU B 300 -0.12 -19.85 1.77
C LEU B 300 -0.26 -20.17 0.28
N GLN B 301 0.22 -21.34 -0.09
CA GLN B 301 0.18 -21.81 -1.47
C GLN B 301 -1.01 -22.76 -1.67
C2 706 C . 2.36 13.43 -18.44
C1 706 C . 3.11 14.48 -17.63
C3 706 C . 2.54 15.89 -17.86
C28 706 C . 4.61 14.46 -17.93
N27 706 C . 5.19 13.74 -16.78
C26 706 C . 4.32 13.60 -15.79
C22 706 C . 4.53 13.16 -14.48
C25 706 C . 3.08 14.13 -16.14
C23 706 C . 2.06 14.21 -15.19
C24 706 C . 2.28 13.77 -13.89
C13 706 C . 3.52 13.25 -13.53
N12 706 C . 3.78 12.94 -12.26
C10 706 C . 2.99 12.18 -11.51
O11 706 C . 1.96 11.65 -11.92
C8 706 C . 3.44 11.98 -10.07
C9 706 C . 4.41 12.81 -9.51
C4 706 C . 4.77 12.64 -8.18
C5 706 C . 4.15 11.65 -7.43
N6 706 C . 3.24 10.87 -7.98
C7 706 C . 2.88 10.99 -9.27
N14 706 C . 1.94 10.18 -9.78
C15 706 C . 1.44 9.02 -9.03
C16 706 C . 0.17 9.39 -8.27
C17 706 C . -0.42 10.65 -8.43
C18 706 C . -1.56 10.95 -7.70
N19 706 C . -2.08 10.06 -6.86
C20 706 C . -1.54 8.87 -6.68
C21 706 C . -0.40 8.48 -7.37
C2 706 D . 11.05 -8.94 21.60
C1 706 D . 12.18 -7.94 21.39
C3 706 D . 13.00 -8.26 20.14
C28 706 D . 13.08 -7.87 22.63
N27 706 D . 12.55 -6.72 23.38
C26 706 D . 11.77 -5.95 22.62
C22 706 D . 11.24 -4.70 22.87
C25 706 D . 11.64 -6.51 21.35
C23 706 D . 10.99 -5.79 20.34
C24 706 D . 10.47 -4.53 20.60
C13 706 D . 10.60 -3.96 21.87
N12 706 D . 10.23 -2.70 22.09
C10 706 D . 9.05 -2.23 21.70
O11 706 D . 8.20 -2.89 21.10
C8 706 D . 8.79 -0.75 22.00
C9 706 D . 9.85 0.11 22.27
C4 706 D . 9.61 1.47 22.41
C5 706 D . 8.31 1.95 22.28
N6 706 D . 7.32 1.11 22.03
C7 706 D . 7.50 -0.21 21.89
N14 706 D . 6.47 -1.01 21.64
C15 706 D . 5.09 -0.49 21.65
C16 706 D . 4.72 0.14 20.31
C17 706 D . 5.64 0.15 19.25
C18 706 D . 5.25 0.71 18.04
N19 706 D . 4.04 1.22 17.90
C20 706 D . 3.15 1.23 18.88
C21 706 D . 3.46 0.68 20.11
#